data_1QAJ
#
_entry.id   1QAJ
#
_cell.length_a   65.868
_cell.length_b   63.587
_cell.length_c   73.398
_cell.angle_alpha   90.00
_cell.angle_beta   102.91
_cell.angle_gamma   90.00
#
_symmetry.space_group_name_H-M   'P 1 21 1'
#
loop_
_entity.id
_entity.type
_entity.pdbx_description
1 polymer "DNA (5'-D(*CP*AP*TP*GP*CP*AP*TP*G)-3')"
2 polymer 'REVERSE TRANSCRIPTASE'
3 water water
#
loop_
_entity_poly.entity_id
_entity_poly.type
_entity_poly.pdbx_seq_one_letter_code
_entity_poly.pdbx_strand_id
1 'polydeoxyribonucleotide' (DC)(DA)(DT)(DG)(DC)(DA)(DT)(DG) C,D
2 'polypeptide(L)'
;GSHMTWLSDFPQAWAETGGMGLAVRQAPLIIPLKATSTPVSIKQYPMSQEARLGIKPHIQRLLDQGILVPCQSPWNTPLL
PVKKPGTNDYRPVQDLREVNKRVEDIHPTVPNPYNLLSGLPPSHQWYTVLDLKDAFFCLRLHPTSQPLFAFEWRDPEMGI
SGQLTWTRLPQGFKNSPTLFDEALHRDLADFRIQHPDLILLQYVDDLLLAATSELDCQQGTRALLQTLGNLGYRASAKKA
QICQKQVKYLGYLLKEGQR
;
A,B
#
loop_
_chem_comp.id
_chem_comp.type
_chem_comp.name
_chem_comp.formula
DA DNA linking 2'-DEOXYADENOSINE-5'-MONOPHOSPHATE 'C10 H14 N5 O6 P'
DC DNA linking 2'-DEOXYCYTIDINE-5'-MONOPHOSPHATE 'C9 H14 N3 O7 P'
DG DNA linking 2'-DEOXYGUANOSINE-5'-MONOPHOSPHATE 'C10 H14 N5 O7 P'
DT DNA linking THYMIDINE-5'-MONOPHOSPHATE 'C10 H15 N2 O8 P'
#
# COMPACT_ATOMS: atom_id res chain seq x y z
N GLY C 1 -26.80 -17.79 -9.05
CA GLY C 1 -26.74 -18.84 -7.94
C GLY C 1 -27.46 -18.37 -6.62
N SER C 2 -26.70 -17.76 -5.73
CA SER C 2 -27.24 -16.97 -4.59
C SER C 2 -26.41 -15.67 -4.69
N HIS C 3 -26.29 -14.91 -3.65
CA HIS C 3 -25.45 -13.69 -3.65
C HIS C 3 -24.33 -14.03 -2.75
N MET C 4 -24.73 -14.91 -1.83
CA MET C 4 -23.86 -15.43 -0.83
C MET C 4 -22.79 -16.28 -1.50
N THR C 5 -23.18 -17.05 -2.52
CA THR C 5 -22.17 -17.87 -3.21
C THR C 5 -21.17 -16.94 -3.88
N TRP C 6 -21.65 -15.82 -4.41
CA TRP C 6 -20.75 -14.86 -5.04
C TRP C 6 -19.80 -14.26 -3.99
N LEU C 7 -20.28 -14.13 -2.76
CA LEU C 7 -19.45 -13.60 -1.68
C LEU C 7 -18.43 -14.64 -1.25
N SER C 8 -18.86 -15.89 -1.28
CA SER C 8 -18.01 -17.02 -0.88
C SER C 8 -16.91 -17.35 -1.89
N ASP C 9 -17.24 -17.31 -3.17
CA ASP C 9 -16.25 -17.64 -4.21
C ASP C 9 -15.25 -16.51 -4.50
N PHE C 10 -15.59 -15.31 -4.11
CA PHE C 10 -14.73 -14.20 -4.35
C PHE C 10 -14.79 -13.28 -3.12
N PRO C 11 -14.04 -13.67 -2.07
CA PRO C 11 -13.89 -12.84 -0.86
C PRO C 11 -12.97 -11.62 -1.03
N GLN C 12 -11.96 -11.75 -1.88
CA GLN C 12 -11.01 -10.66 -2.12
C GLN C 12 -11.56 -9.59 -3.05
N ALA C 13 -12.58 -9.95 -3.83
CA ALA C 13 -13.15 -9.02 -4.80
C ALA C 13 -14.13 -7.99 -4.24
N TRP C 14 -14.73 -8.28 -3.09
CA TRP C 14 -15.70 -7.37 -2.51
C TRP C 14 -15.16 -6.60 -1.31
N ALA C 15 -15.54 -5.33 -1.23
CA ALA C 15 -15.12 -4.47 -0.14
C ALA C 15 -15.57 -5.02 1.21
N GLU C 16 -16.71 -5.70 1.23
CA GLU C 16 -17.27 -6.25 2.46
C GLU C 16 -16.56 -7.45 3.06
N THR C 17 -15.74 -8.13 2.26
CA THR C 17 -15.04 -9.31 2.77
C THR C 17 -13.55 -9.27 2.54
N GLY C 18 -13.12 -8.50 1.54
CA GLY C 18 -11.71 -8.42 1.23
C GLY C 18 -11.00 -7.17 1.69
N GLY C 19 -11.57 -6.45 2.66
CA GLY C 19 -10.95 -5.23 3.14
C GLY C 19 -10.83 -4.16 2.07
N MET C 20 -10.28 -3.00 2.44
CA MET C 20 -10.12 -1.90 1.50
C MET C 20 -9.08 -2.19 0.43
N GLY C 21 -9.37 -1.79 -0.80
CA GLY C 21 -8.46 -2.05 -1.90
C GLY C 21 -7.26 -1.13 -2.03
N LEU C 22 -6.37 -1.51 -2.94
CA LEU C 22 -5.14 -0.79 -3.25
C LEU C 22 -4.68 -1.37 -4.60
N ALA C 23 -4.70 -0.54 -5.64
CA ALA C 23 -4.29 -0.98 -6.98
C ALA C 23 -2.80 -1.23 -7.03
N VAL C 24 -2.42 -2.50 -6.98
CA VAL C 24 -1.02 -2.91 -6.99
C VAL C 24 -0.21 -2.58 -8.23
N ARG C 25 -0.86 -2.46 -9.38
CA ARG C 25 -0.13 -2.15 -10.61
C ARG C 25 -0.02 -0.67 -10.89
N GLN C 26 -0.58 0.15 -10.00
CA GLN C 26 -0.54 1.59 -10.22
C GLN C 26 0.54 2.32 -9.44
N ALA C 27 1.43 2.95 -10.18
CA ALA C 27 2.52 3.71 -9.58
C ALA C 27 1.95 4.92 -8.86
N PRO C 28 2.66 5.42 -7.84
CA PRO C 28 2.14 6.60 -7.13
C PRO C 28 1.99 7.79 -8.08
N LEU C 29 0.88 8.50 -7.95
CA LEU C 29 0.61 9.65 -8.80
C LEU C 29 1.29 10.94 -8.36
N ILE C 30 1.80 11.68 -9.33
CA ILE C 30 2.42 12.97 -9.07
C ILE C 30 1.38 13.97 -9.56
N ILE C 31 1.08 14.97 -8.75
CA ILE C 31 0.10 15.99 -9.11
C ILE C 31 0.83 17.27 -9.51
N PRO C 32 0.91 17.54 -10.82
CA PRO C 32 1.60 18.75 -11.29
C PRO C 32 0.86 20.04 -10.94
N LEU C 33 1.57 20.99 -10.34
CA LEU C 33 1.00 22.29 -9.98
C LEU C 33 1.08 23.23 -11.19
N LYS C 34 0.30 24.31 -11.17
CA LYS C 34 0.36 25.28 -12.26
C LYS C 34 1.72 25.95 -12.12
N ALA C 35 2.26 26.45 -13.23
CA ALA C 35 3.57 27.10 -13.23
C ALA C 35 3.78 28.14 -12.13
N THR C 36 2.76 28.92 -11.80
CA THR C 36 2.91 29.96 -10.78
C THR C 36 2.31 29.70 -9.40
N SER C 37 1.78 28.51 -9.18
CA SER C 37 1.19 28.18 -7.88
C SER C 37 2.25 28.12 -6.78
N THR C 38 1.83 28.51 -5.59
CA THR C 38 2.68 28.51 -4.40
C THR C 38 1.75 28.01 -3.30
N PRO C 39 2.29 27.37 -2.25
CA PRO C 39 1.44 26.85 -1.18
C PRO C 39 0.47 27.87 -0.56
N VAL C 40 -0.70 27.39 -0.15
CA VAL C 40 -1.70 28.23 0.49
C VAL C 40 -2.25 27.47 1.69
N SER C 41 -2.33 28.14 2.83
CA SER C 41 -2.81 27.53 4.06
C SER C 41 -4.14 28.13 4.51
N ILE C 42 -5.25 27.53 4.06
CA ILE C 42 -6.58 28.00 4.42
C ILE C 42 -6.88 27.51 5.84
N LYS C 43 -7.16 28.44 6.75
CA LYS C 43 -7.42 28.05 8.12
C LYS C 43 -8.69 27.25 8.33
N GLN C 44 -8.62 26.29 9.24
CA GLN C 44 -9.75 25.42 9.58
C GLN C 44 -10.86 26.22 10.23
N TYR C 45 -12.08 26.07 9.71
CA TYR C 45 -13.22 26.77 10.30
C TYR C 45 -13.48 26.15 11.67
N PRO C 46 -13.77 26.97 12.69
CA PRO C 46 -14.03 26.42 14.02
C PRO C 46 -15.00 25.25 13.93
N MET C 47 -14.80 24.25 14.76
CA MET C 47 -15.66 23.07 14.73
C MET C 47 -16.13 22.71 16.13
N SER C 48 -17.44 22.51 16.28
CA SER C 48 -18.02 22.15 17.57
C SER C 48 -17.59 20.75 17.96
N GLN C 49 -17.47 20.50 19.27
CA GLN C 49 -17.07 19.20 19.77
C GLN C 49 -18.01 18.13 19.25
N GLU C 50 -19.29 18.47 19.12
CA GLU C 50 -20.29 17.53 18.63
C GLU C 50 -20.02 17.09 17.20
N ALA C 51 -19.65 18.04 16.35
CA ALA C 51 -19.37 17.76 14.94
C ALA C 51 -18.10 16.95 14.80
N ARG C 52 -17.10 17.32 15.59
CA ARG C 52 -15.82 16.63 15.60
C ARG C 52 -16.02 15.17 15.99
N LEU C 53 -16.76 14.92 17.08
CA LEU C 53 -17.02 13.56 17.50
C LEU C 53 -17.71 12.85 16.34
N GLY C 54 -18.67 13.53 15.73
CA GLY C 54 -19.41 12.97 14.61
C GLY C 54 -18.60 12.50 13.42
N ILE C 55 -17.46 13.13 13.15
CA ILE C 55 -16.65 12.69 12.01
C ILE C 55 -15.38 11.93 12.42
N LYS C 56 -15.13 11.86 13.72
CA LYS C 56 -13.97 11.17 14.27
C LYS C 56 -13.86 9.72 13.74
N PRO C 57 -14.97 8.96 13.75
CA PRO C 57 -14.92 7.58 13.24
C PRO C 57 -14.45 7.49 11.78
N HIS C 58 -14.83 8.46 10.97
CA HIS C 58 -14.44 8.50 9.57
C HIS C 58 -12.92 8.64 9.47
N ILE C 59 -12.39 9.58 10.23
CA ILE C 59 -10.96 9.85 10.26
C ILE C 59 -10.20 8.65 10.79
N GLN C 60 -10.71 8.07 11.86
CA GLN C 60 -10.04 6.93 12.48
C GLN C 60 -9.92 5.74 11.54
N ARG C 61 -11.00 5.40 10.83
CA ARG C 61 -10.95 4.27 9.92
C ARG C 61 -9.83 4.48 8.91
N LEU C 62 -9.74 5.69 8.37
CA LEU C 62 -8.72 6.02 7.39
C LEU C 62 -7.32 6.00 7.98
N LEU C 63 -7.17 6.47 9.21
CA LEU C 63 -5.86 6.46 9.86
C LEU C 63 -5.40 5.04 10.08
N ASP C 64 -6.32 4.19 10.55
CA ASP C 64 -6.01 2.78 10.81
C ASP C 64 -5.61 2.05 9.54
N GLN C 65 -6.09 2.53 8.41
CA GLN C 65 -5.76 1.91 7.13
C GLN C 65 -4.56 2.56 6.45
N GLY C 66 -3.97 3.56 7.09
CA GLY C 66 -2.83 4.22 6.48
C GLY C 66 -3.23 5.07 5.30
N ILE C 67 -4.53 5.36 5.19
CA ILE C 67 -4.99 6.18 4.07
C ILE C 67 -4.77 7.64 4.47
N LEU C 68 -4.77 7.89 5.77
CA LEU C 68 -4.50 9.23 6.30
C LEU C 68 -3.26 9.06 7.16
N VAL C 69 -2.30 9.97 7.01
CA VAL C 69 -1.07 9.93 7.76
C VAL C 69 -0.74 11.33 8.29
N PRO C 70 0.05 11.40 9.35
CA PRO C 70 0.40 12.71 9.90
C PRO C 70 1.44 13.38 9.00
N CYS C 71 1.41 14.71 8.95
CA CYS C 71 2.39 15.45 8.17
C CYS C 71 2.46 16.89 8.66
N GLN C 72 3.39 17.63 8.09
CA GLN C 72 3.60 19.03 8.41
C GLN C 72 3.76 19.63 7.02
N SER C 73 2.80 20.43 6.61
CA SER C 73 2.80 21.01 5.27
C SER C 73 2.44 22.49 5.18
N PRO C 74 3.01 23.18 4.19
CA PRO C 74 2.73 24.62 4.00
C PRO C 74 1.34 24.79 3.42
N TRP C 75 0.73 23.68 3.01
CA TRP C 75 -0.62 23.70 2.45
C TRP C 75 -1.60 23.28 3.54
N ASN C 76 -2.83 23.75 3.45
CA ASN C 76 -3.86 23.38 4.41
C ASN C 76 -5.20 23.80 3.85
N THR C 77 -6.21 22.94 3.99
CA THR C 77 -7.55 23.27 3.52
C THR C 77 -8.53 22.82 4.60
N PRO C 78 -9.68 23.50 4.69
CA PRO C 78 -10.74 23.23 5.66
C PRO C 78 -11.41 21.87 5.60
N LEU C 79 -11.65 21.29 6.77
CA LEU C 79 -12.34 20.03 6.88
C LEU C 79 -13.74 20.42 7.31
N LEU C 80 -14.74 20.06 6.50
CA LEU C 80 -16.12 20.42 6.81
C LEU C 80 -17.00 19.28 7.29
N PRO C 81 -17.64 19.46 8.45
CA PRO C 81 -18.52 18.43 9.02
C PRO C 81 -19.92 18.59 8.44
N VAL C 82 -20.26 17.77 7.45
CA VAL C 82 -21.58 17.84 6.83
C VAL C 82 -22.53 16.88 7.52
N LYS C 83 -23.55 17.43 8.18
CA LYS C 83 -24.53 16.63 8.90
C LYS C 83 -25.81 16.41 8.09
N LYS C 84 -26.15 15.15 7.87
CA LYS C 84 -27.34 14.77 7.11
C LYS C 84 -28.58 15.48 7.67
N PRO C 85 -29.42 16.05 6.79
CA PRO C 85 -30.66 16.77 7.13
C PRO C 85 -31.61 16.03 8.06
N GLY C 86 -31.88 16.62 9.22
CA GLY C 86 -32.78 16.02 10.18
C GLY C 86 -32.22 14.88 11.01
N THR C 87 -30.91 14.70 10.98
CA THR C 87 -30.28 13.64 11.75
C THR C 87 -29.02 14.14 12.45
N ASN C 88 -28.32 13.23 13.10
CA ASN C 88 -27.08 13.56 13.80
C ASN C 88 -25.99 12.69 13.16
N ASP C 89 -26.19 12.45 11.86
CA ASP C 89 -25.27 11.65 11.06
C ASP C 89 -24.30 12.58 10.33
N TYR C 90 -23.05 12.60 10.80
CA TYR C 90 -22.02 13.46 10.19
C TYR C 90 -21.08 12.71 9.26
N ARG C 91 -20.51 13.47 8.33
CA ARG C 91 -19.53 12.95 7.38
C ARG C 91 -18.60 14.13 7.06
N PRO C 92 -17.30 13.87 6.96
CA PRO C 92 -16.36 14.95 6.66
C PRO C 92 -16.25 15.24 5.18
N VAL C 93 -16.13 16.52 4.86
CA VAL C 93 -15.98 16.97 3.47
C VAL C 93 -14.88 18.00 3.45
N GLN C 94 -13.79 17.71 2.75
CA GLN C 94 -12.66 18.63 2.67
C GLN C 94 -12.87 19.62 1.53
N ASP C 95 -12.81 20.91 1.84
CA ASP C 95 -12.96 21.96 0.84
C ASP C 95 -11.62 22.16 0.15
N LEU C 96 -11.41 21.45 -0.95
CA LEU C 96 -10.14 21.52 -1.68
C LEU C 96 -10.07 22.55 -2.80
N ARG C 97 -11.04 23.46 -2.85
CA ARG C 97 -11.06 24.47 -3.90
C ARG C 97 -9.77 25.26 -4.10
N GLU C 98 -9.16 25.75 -3.02
CA GLU C 98 -7.94 26.53 -3.15
C GLU C 98 -6.79 25.69 -3.68
N VAL C 99 -6.84 24.39 -3.46
CA VAL C 99 -5.79 23.51 -3.95
C VAL C 99 -6.10 23.22 -5.42
N ASN C 100 -7.36 22.97 -5.74
CA ASN C 100 -7.75 22.70 -7.12
C ASN C 100 -7.38 23.85 -8.07
N LYS C 101 -7.58 25.07 -7.61
CA LYS C 101 -7.27 26.26 -8.41
C LYS C 101 -5.79 26.39 -8.74
N ARG C 102 -4.93 25.78 -7.92
CA ARG C 102 -3.50 25.86 -8.15
C ARG C 102 -2.92 24.64 -8.85
N VAL C 103 -3.77 23.64 -9.06
CA VAL C 103 -3.37 22.42 -9.75
C VAL C 103 -3.83 22.55 -11.20
N GLU C 104 -2.99 22.12 -12.12
CA GLU C 104 -3.31 22.22 -13.54
C GLU C 104 -4.46 21.27 -13.88
N ASP C 105 -5.41 21.73 -14.69
CA ASP C 105 -6.51 20.89 -15.09
C ASP C 105 -6.04 19.79 -16.02
N ILE C 106 -6.73 18.65 -15.97
CA ILE C 106 -6.44 17.53 -16.85
C ILE C 106 -7.69 17.38 -17.69
N HIS C 107 -7.57 17.55 -18.99
CA HIS C 107 -8.73 17.43 -19.86
C HIS C 107 -9.33 16.05 -19.67
N PRO C 108 -10.55 15.99 -19.10
CA PRO C 108 -11.20 14.70 -18.88
C PRO C 108 -11.54 14.04 -20.21
N THR C 109 -11.20 12.75 -20.32
CA THR C 109 -11.47 12.00 -21.53
C THR C 109 -12.52 10.93 -21.24
N VAL C 110 -13.19 11.08 -20.11
CA VAL C 110 -14.23 10.14 -19.71
C VAL C 110 -15.35 10.13 -20.74
N PRO C 111 -15.73 8.94 -21.24
CA PRO C 111 -16.79 8.80 -22.24
C PRO C 111 -18.16 9.28 -21.76
N ASN C 112 -19.01 9.67 -22.71
CA ASN C 112 -20.35 10.14 -22.39
C ASN C 112 -21.23 8.96 -21.98
N PRO C 113 -21.82 9.02 -20.78
CA PRO C 113 -22.68 7.95 -20.26
C PRO C 113 -23.65 7.38 -21.29
N TYR C 114 -24.26 8.24 -22.10
CA TYR C 114 -25.22 7.79 -23.11
C TYR C 114 -24.62 6.96 -24.24
N ASN C 115 -23.58 7.48 -24.87
CA ASN C 115 -22.93 6.78 -25.97
C ASN C 115 -22.43 5.42 -25.53
N LEU C 116 -21.82 5.39 -24.35
CA LEU C 116 -21.28 4.16 -23.80
C LEU C 116 -22.34 3.06 -23.87
N LEU C 117 -23.52 3.33 -23.31
CA LEU C 117 -24.63 2.39 -23.30
C LEU C 117 -25.27 2.20 -24.68
N SER C 118 -25.17 3.22 -25.52
CA SER C 118 -25.76 3.17 -26.86
C SER C 118 -24.98 2.27 -27.80
N GLY C 119 -23.77 1.90 -27.40
CA GLY C 119 -22.95 1.05 -28.24
C GLY C 119 -23.24 -0.43 -28.07
N LEU C 120 -23.85 -0.80 -26.94
CA LEU C 120 -24.18 -2.20 -26.67
C LEU C 120 -25.02 -2.81 -27.77
N PRO C 121 -24.53 -3.89 -28.40
CA PRO C 121 -25.28 -4.55 -29.47
C PRO C 121 -26.40 -5.40 -28.89
N PRO C 122 -27.49 -5.59 -29.66
CA PRO C 122 -28.64 -6.38 -29.20
C PRO C 122 -28.32 -7.86 -28.95
N SER C 123 -27.13 -8.28 -29.37
CA SER C 123 -26.70 -9.65 -29.19
C SER C 123 -26.25 -9.96 -27.76
N HIS C 124 -25.87 -8.93 -27.02
CA HIS C 124 -25.42 -9.11 -25.65
C HIS C 124 -26.42 -8.47 -24.69
N GLN C 125 -27.39 -9.25 -24.23
CA GLN C 125 -28.41 -8.70 -23.35
C GLN C 125 -28.47 -9.22 -21.91
N TRP C 126 -27.38 -9.80 -21.46
CA TRP C 126 -27.27 -10.28 -20.08
C TRP C 126 -26.19 -9.41 -19.46
N TYR C 127 -26.53 -8.78 -18.33
CA TYR C 127 -25.60 -7.86 -17.68
C TYR C 127 -25.24 -8.09 -16.22
N THR C 128 -24.08 -7.54 -15.87
CA THR C 128 -23.57 -7.55 -14.50
C THR C 128 -23.08 -6.11 -14.31
N VAL C 129 -23.60 -5.44 -13.29
CA VAL C 129 -23.19 -4.06 -13.01
C VAL C 129 -22.54 -4.02 -11.62
N LEU C 130 -21.34 -3.45 -11.57
CA LEU C 130 -20.60 -3.32 -10.32
C LEU C 130 -20.11 -1.90 -10.17
N ASP C 131 -19.80 -1.51 -8.94
CA ASP C 131 -19.24 -0.19 -8.69
C ASP C 131 -18.17 -0.42 -7.64
N LEU C 132 -16.96 0.05 -7.93
CA LEU C 132 -15.85 -0.13 -7.01
C LEU C 132 -16.00 0.81 -5.80
N LYS C 133 -15.88 0.25 -4.60
CA LYS C 133 -16.01 1.01 -3.36
C LYS C 133 -14.68 1.72 -3.04
N ASP C 134 -14.77 2.95 -2.53
CA ASP C 134 -13.56 3.74 -2.20
C ASP C 134 -12.55 3.65 -3.33
N ALA C 135 -13.04 3.76 -4.56
CA ALA C 135 -12.18 3.67 -5.74
C ALA C 135 -10.95 4.57 -5.70
N PHE C 136 -11.16 5.87 -5.55
CA PHE C 136 -10.05 6.79 -5.53
C PHE C 136 -8.97 6.37 -4.54
N PHE C 137 -9.37 5.88 -3.36
CA PHE C 137 -8.41 5.48 -2.34
C PHE C 137 -7.52 4.31 -2.71
N CYS C 138 -7.85 3.63 -3.81
CA CYS C 138 -7.05 2.50 -4.29
C CYS C 138 -5.82 2.99 -5.05
N LEU C 139 -5.81 4.28 -5.37
CA LEU C 139 -4.69 4.86 -6.11
C LEU C 139 -3.83 5.73 -5.19
N ARG C 140 -2.56 5.34 -5.05
CA ARG C 140 -1.61 6.03 -4.18
C ARG C 140 -1.09 7.34 -4.75
N LEU C 141 -0.71 8.23 -3.83
CA LEU C 141 -0.15 9.52 -4.21
C LEU C 141 1.34 9.49 -3.95
N HIS C 142 2.11 10.05 -4.87
CA HIS C 142 3.55 10.09 -4.67
C HIS C 142 3.78 10.94 -3.43
N PRO C 143 4.80 10.61 -2.61
CA PRO C 143 5.07 11.39 -1.40
C PRO C 143 5.29 12.89 -1.63
N THR C 144 5.80 13.27 -2.80
CA THR C 144 6.02 14.69 -3.06
C THR C 144 4.71 15.41 -3.32
N SER C 145 3.64 14.68 -3.64
CA SER C 145 2.34 15.29 -3.91
C SER C 145 1.40 15.27 -2.70
N GLN C 146 1.70 14.42 -1.72
CA GLN C 146 0.88 14.30 -0.52
C GLN C 146 0.69 15.60 0.29
N PRO C 147 1.74 16.43 0.40
CA PRO C 147 1.65 17.69 1.16
C PRO C 147 0.54 18.62 0.70
N LEU C 148 0.12 18.48 -0.56
CA LEU C 148 -0.91 19.33 -1.15
C LEU C 148 -2.31 19.27 -0.54
N PHE C 149 -2.68 18.10 -0.03
CA PHE C 149 -4.03 17.91 0.51
C PHE C 149 -4.12 17.83 2.03
N ALA C 150 -3.15 18.43 2.72
CA ALA C 150 -3.15 18.42 4.19
C ALA C 150 -4.33 19.18 4.78
N PHE C 151 -4.76 18.76 5.97
CA PHE C 151 -5.83 19.41 6.68
C PHE C 151 -5.54 19.27 8.17
N GLU C 152 -6.23 20.06 8.99
CA GLU C 152 -6.03 20.04 10.42
C GLU C 152 -6.83 18.96 11.13
N TRP C 153 -6.21 18.33 12.12
CA TRP C 153 -6.88 17.30 12.92
C TRP C 153 -6.17 17.12 14.26
N ARG C 154 -6.92 17.00 15.33
CA ARG C 154 -6.34 16.81 16.65
C ARG C 154 -7.02 15.64 17.37
N ASP C 155 -6.21 14.78 17.97
CA ASP C 155 -6.72 13.64 18.71
C ASP C 155 -5.56 12.97 19.43
N PRO C 156 -5.52 13.09 20.76
CA PRO C 156 -4.46 12.49 21.59
C PRO C 156 -4.47 10.98 21.48
N GLU C 157 -5.68 10.42 21.42
CA GLU C 157 -5.88 8.98 21.32
C GLU C 157 -5.10 8.42 20.14
N MET C 158 -5.06 9.17 19.04
CA MET C 158 -4.36 8.74 17.84
C MET C 158 -2.96 9.35 17.70
N GLY C 159 -2.55 10.13 18.68
CA GLY C 159 -1.23 10.76 18.61
C GLY C 159 -1.12 11.73 17.45
N ILE C 160 -2.23 12.40 17.13
CA ILE C 160 -2.26 13.37 16.05
C ILE C 160 -2.37 14.74 16.70
N SER C 161 -1.38 15.59 16.47
CA SER C 161 -1.35 16.92 17.07
C SER C 161 -1.05 18.02 16.05
N GLY C 162 -1.80 18.04 14.95
CA GLY C 162 -1.56 19.07 13.95
C GLY C 162 -2.25 18.81 12.64
N GLN C 163 -1.52 18.27 11.67
CA GLN C 163 -2.10 17.99 10.36
C GLN C 163 -1.99 16.54 9.95
N LEU C 164 -2.84 16.18 9.00
CA LEU C 164 -2.86 14.85 8.43
C LEU C 164 -2.99 15.08 6.93
N THR C 165 -2.63 14.08 6.15
CA THR C 165 -2.83 14.19 4.73
C THR C 165 -3.08 12.81 4.13
N TRP C 166 -3.45 12.80 2.86
CA TRP C 166 -3.79 11.58 2.15
C TRP C 166 -2.64 10.89 1.44
N THR C 167 -2.66 9.56 1.47
CA THR C 167 -1.65 8.76 0.80
C THR C 167 -2.28 8.24 -0.48
N ARG C 168 -3.55 8.58 -0.70
CA ARG C 168 -4.28 8.13 -1.87
C ARG C 168 -4.98 9.31 -2.54
N LEU C 169 -5.47 9.10 -3.76
CA LEU C 169 -6.17 10.13 -4.52
C LEU C 169 -7.38 10.56 -3.68
N PRO C 170 -7.41 11.84 -3.28
CA PRO C 170 -8.51 12.37 -2.46
C PRO C 170 -9.86 12.61 -3.09
N GLN C 171 -10.90 12.55 -2.27
CA GLN C 171 -12.25 12.85 -2.73
C GLN C 171 -12.18 14.38 -2.74
N GLY C 172 -12.86 15.03 -3.67
CA GLY C 172 -12.82 16.48 -3.69
C GLY C 172 -11.75 17.10 -4.59
N PHE C 173 -10.77 16.30 -5.02
CA PHE C 173 -9.71 16.79 -5.91
C PHE C 173 -10.30 16.72 -7.32
N LYS C 174 -10.19 17.81 -8.08
CA LYS C 174 -10.79 17.88 -9.41
C LYS C 174 -10.36 16.86 -10.47
N ASN C 175 -9.12 16.40 -10.42
CA ASN C 175 -8.67 15.44 -11.43
C ASN C 175 -8.83 13.96 -11.05
N SER C 176 -9.38 13.69 -9.86
CA SER C 176 -9.55 12.30 -9.43
C SER C 176 -10.40 11.44 -10.36
N PRO C 177 -11.55 11.96 -10.82
CA PRO C 177 -12.36 11.13 -11.72
C PRO C 177 -11.58 10.63 -12.94
N THR C 178 -10.96 11.56 -13.67
CA THR C 178 -10.20 11.21 -14.86
C THR C 178 -8.95 10.37 -14.59
N LEU C 179 -8.23 10.69 -13.52
CA LEU C 179 -7.02 9.93 -13.19
C LEU C 179 -7.39 8.50 -12.88
N PHE C 180 -8.47 8.31 -12.13
CA PHE C 180 -8.89 6.97 -11.78
C PHE C 180 -9.40 6.25 -13.02
N ASP C 181 -10.20 6.95 -13.82
CA ASP C 181 -10.78 6.38 -15.04
C ASP C 181 -9.67 5.82 -15.92
N GLU C 182 -8.62 6.61 -16.10
CA GLU C 182 -7.49 6.19 -16.92
C GLU C 182 -6.74 5.02 -16.30
N ALA C 183 -6.61 5.01 -14.97
CA ALA C 183 -5.91 3.94 -14.29
C ALA C 183 -6.64 2.61 -14.48
N LEU C 184 -7.94 2.60 -14.20
CA LEU C 184 -8.73 1.39 -14.33
C LEU C 184 -8.75 0.88 -15.77
N HIS C 185 -8.76 1.79 -16.72
CA HIS C 185 -8.75 1.40 -18.12
C HIS C 185 -7.47 0.63 -18.44
N ARG C 186 -6.35 1.15 -17.96
CA ARG C 186 -5.07 0.48 -18.18
C ARG C 186 -5.08 -0.89 -17.53
N ASP C 187 -5.55 -0.96 -16.29
CA ASP C 187 -5.57 -2.22 -15.56
C ASP C 187 -6.53 -3.25 -16.14
N LEU C 188 -7.53 -2.81 -16.89
CA LEU C 188 -8.49 -3.76 -17.45
C LEU C 188 -8.28 -4.10 -18.91
N ALA C 189 -7.27 -3.50 -19.54
CA ALA C 189 -6.97 -3.76 -20.95
C ALA C 189 -6.79 -5.27 -21.19
N ASP C 190 -6.03 -5.92 -20.31
CA ASP C 190 -5.77 -7.34 -20.42
C ASP C 190 -7.07 -8.13 -20.42
N PHE C 191 -7.94 -7.85 -19.45
CA PHE C 191 -9.22 -8.54 -19.34
C PHE C 191 -10.02 -8.49 -20.64
N ARG C 192 -10.05 -7.32 -21.27
CA ARG C 192 -10.80 -7.14 -22.50
C ARG C 192 -10.29 -8.10 -23.57
N ILE C 193 -8.96 -8.22 -23.65
CA ILE C 193 -8.30 -9.10 -24.63
C ILE C 193 -8.59 -10.57 -24.37
N GLN C 194 -8.66 -10.95 -23.11
CA GLN C 194 -8.92 -12.34 -22.77
C GLN C 194 -10.38 -12.74 -22.99
N HIS C 195 -11.25 -11.75 -23.20
CA HIS C 195 -12.66 -12.03 -23.37
C HIS C 195 -13.33 -11.34 -24.57
N PRO C 196 -13.00 -11.79 -25.80
CA PRO C 196 -13.59 -11.18 -27.01
C PRO C 196 -15.09 -11.39 -27.17
N ASP C 197 -15.67 -12.29 -26.39
CA ASP C 197 -17.11 -12.57 -26.46
C ASP C 197 -17.90 -11.71 -25.47
N LEU C 198 -17.18 -10.90 -24.69
CA LEU C 198 -17.78 -10.03 -23.69
C LEU C 198 -17.55 -8.54 -23.97
N ILE C 199 -18.52 -7.72 -23.59
CA ILE C 199 -18.41 -6.27 -23.73
C ILE C 199 -18.27 -5.68 -22.35
N LEU C 200 -17.27 -4.83 -22.15
CA LEU C 200 -17.09 -4.20 -20.84
C LEU C 200 -17.17 -2.70 -20.93
N LEU C 201 -18.15 -2.13 -20.24
CA LEU C 201 -18.33 -0.68 -20.21
C LEU C 201 -17.78 -0.16 -18.88
N GLN C 202 -17.08 0.95 -18.91
CA GLN C 202 -16.56 1.52 -17.68
C GLN C 202 -16.51 3.03 -17.72
N TYR C 203 -17.08 3.62 -16.70
CA TYR C 203 -17.17 5.03 -16.50
C TYR C 203 -16.61 5.27 -15.10
N VAL C 204 -15.37 5.74 -15.01
CA VAL C 204 -14.73 5.96 -13.71
C VAL C 204 -14.79 4.66 -12.88
N ASP C 205 -15.56 4.66 -11.79
CA ASP C 205 -15.64 3.46 -10.97
C ASP C 205 -16.90 2.62 -11.14
N ASP C 206 -17.59 2.81 -12.27
CA ASP C 206 -18.81 2.07 -12.57
C ASP C 206 -18.58 1.13 -13.74
N LEU C 207 -18.91 -0.14 -13.53
CA LEU C 207 -18.70 -1.16 -14.55
C LEU C 207 -19.95 -1.92 -14.96
N LEU C 208 -20.07 -2.19 -16.26
CA LEU C 208 -21.18 -2.97 -16.79
C LEU C 208 -20.55 -3.99 -17.72
N LEU C 209 -20.82 -5.27 -17.45
CA LEU C 209 -20.31 -6.35 -18.23
C LEU C 209 -21.50 -6.94 -18.99
N ALA C 210 -21.39 -7.12 -20.30
CA ALA C 210 -22.49 -7.66 -21.09
C ALA C 210 -22.08 -8.95 -21.81
N ALA C 211 -22.98 -9.94 -21.80
CA ALA C 211 -22.73 -11.24 -22.42
C ALA C 211 -23.94 -11.66 -23.25
N THR C 212 -23.77 -12.69 -24.08
CA THR C 212 -24.86 -13.17 -24.93
C THR C 212 -25.81 -14.14 -24.23
N SER C 213 -25.40 -14.65 -23.08
CA SER C 213 -26.24 -15.58 -22.33
C SER C 213 -25.92 -15.46 -20.84
N GLU C 214 -26.80 -16.01 -20.01
CA GLU C 214 -26.60 -15.97 -18.58
C GLU C 214 -25.34 -16.74 -18.21
N LEU C 215 -25.05 -17.81 -18.95
CA LEU C 215 -23.86 -18.60 -18.67
C LEU C 215 -22.59 -17.81 -18.92
N ASP C 216 -22.51 -17.19 -20.09
CA ASP C 216 -21.33 -16.41 -20.43
C ASP C 216 -21.18 -15.22 -19.48
N CYS C 217 -22.28 -14.63 -19.07
CA CYS C 217 -22.25 -13.52 -18.13
C CYS C 217 -21.74 -14.02 -16.79
N GLN C 218 -22.20 -15.20 -16.40
CA GLN C 218 -21.81 -15.84 -15.16
C GLN C 218 -20.31 -16.08 -15.15
N GLN C 219 -19.82 -16.76 -16.19
CA GLN C 219 -18.39 -17.04 -16.31
C GLN C 219 -17.56 -15.77 -16.47
N GLY C 220 -18.11 -14.77 -17.14
CA GLY C 220 -17.37 -13.54 -17.32
C GLY C 220 -17.27 -12.78 -16.00
N THR C 221 -18.35 -12.80 -15.23
CA THR C 221 -18.36 -12.09 -13.97
C THR C 221 -17.38 -12.74 -13.01
N ARG C 222 -17.28 -14.07 -13.04
CA ARG C 222 -16.34 -14.78 -12.18
C ARG C 222 -14.94 -14.29 -12.52
N ALA C 223 -14.64 -14.24 -13.81
CA ALA C 223 -13.34 -13.79 -14.28
C ALA C 223 -13.09 -12.33 -13.92
N LEU C 224 -14.12 -11.48 -14.07
CA LEU C 224 -13.98 -10.07 -13.75
C LEU C 224 -13.70 -9.85 -12.25
N LEU C 225 -14.45 -10.52 -11.38
CA LEU C 225 -14.23 -10.37 -9.94
C LEU C 225 -12.83 -10.83 -9.58
N GLN C 226 -12.44 -12.00 -10.08
CA GLN C 226 -11.10 -12.52 -9.80
C GLN C 226 -10.01 -11.56 -10.28
N THR C 227 -10.26 -10.91 -11.42
CA THR C 227 -9.31 -9.96 -12.00
C THR C 227 -9.28 -8.66 -11.18
N LEU C 228 -10.45 -8.16 -10.82
CA LEU C 228 -10.53 -6.95 -10.03
C LEU C 228 -9.82 -7.15 -8.68
N GLY C 229 -10.11 -8.26 -8.00
CA GLY C 229 -9.50 -8.54 -6.71
C GLY C 229 -7.96 -8.63 -6.79
N ASN C 230 -7.48 -9.43 -7.73
CA ASN C 230 -6.03 -9.63 -7.92
C ASN C 230 -5.38 -8.27 -8.22
N LEU C 231 -6.12 -7.41 -8.90
CA LEU C 231 -5.61 -6.09 -9.28
C LEU C 231 -5.58 -5.13 -8.09
N GLY C 232 -6.35 -5.45 -7.05
CA GLY C 232 -6.36 -4.63 -5.86
C GLY C 232 -7.63 -3.78 -5.69
N TYR C 233 -8.63 -3.96 -6.56
CA TYR C 233 -9.87 -3.20 -6.44
C TYR C 233 -10.87 -3.97 -5.60
N ARG C 234 -11.96 -3.30 -5.22
CA ARG C 234 -12.99 -3.90 -4.38
C ARG C 234 -14.36 -3.40 -4.83
N ALA C 235 -15.23 -4.33 -5.21
CA ALA C 235 -16.56 -3.96 -5.67
C ALA C 235 -17.52 -3.97 -4.50
N SER C 236 -18.58 -3.18 -4.59
CA SER C 236 -19.57 -3.14 -3.53
C SER C 236 -20.51 -4.34 -3.69
N ALA C 237 -20.48 -5.25 -2.72
CA ALA C 237 -21.35 -6.42 -2.78
C ALA C 237 -22.81 -6.03 -2.56
N LYS C 238 -23.06 -5.15 -1.60
CA LYS C 238 -24.41 -4.71 -1.29
C LYS C 238 -25.16 -4.13 -2.48
N LYS C 239 -24.42 -3.48 -3.39
CA LYS C 239 -25.05 -2.84 -4.54
C LYS C 239 -24.95 -3.58 -5.88
N ALA C 240 -24.11 -4.59 -5.95
CA ALA C 240 -23.93 -5.35 -7.19
C ALA C 240 -25.22 -5.87 -7.83
N GLN C 241 -25.25 -5.89 -9.14
CA GLN C 241 -26.34 -6.43 -9.93
C GLN C 241 -25.72 -7.50 -10.83
N ILE C 242 -25.80 -8.75 -10.38
CA ILE C 242 -25.18 -9.85 -11.09
C ILE C 242 -26.07 -10.66 -12.05
N CYS C 243 -25.56 -10.84 -13.26
CA CYS C 243 -26.20 -11.57 -14.34
C CYS C 243 -27.67 -11.24 -14.59
N GLN C 244 -28.07 -10.00 -14.77
CA GLN C 244 -29.50 -9.76 -14.97
C GLN C 244 -29.81 -9.28 -16.38
N LYS C 245 -31.06 -9.41 -16.82
CA LYS C 245 -31.45 -8.95 -18.15
C LYS C 245 -32.00 -7.53 -18.05
N GLN C 246 -31.97 -6.99 -16.83
CA GLN C 246 -32.44 -5.64 -16.56
C GLN C 246 -31.60 -5.06 -15.44
N VAL C 247 -30.90 -3.97 -15.73
CA VAL C 247 -30.04 -3.32 -14.76
C VAL C 247 -30.07 -1.79 -14.81
N LYS C 248 -29.57 -1.22 -13.75
CA LYS C 248 -29.46 0.21 -13.60
C LYS C 248 -27.99 0.57 -13.78
N TYR C 249 -27.64 1.45 -14.71
CA TYR C 249 -26.24 1.80 -14.95
C TYR C 249 -26.07 3.26 -15.37
N LEU C 250 -25.29 4.02 -14.60
CA LEU C 250 -25.04 5.42 -14.91
C LEU C 250 -26.32 6.25 -14.97
N GLY C 251 -27.26 5.95 -14.07
CA GLY C 251 -28.51 6.69 -14.05
C GLY C 251 -29.50 6.09 -15.03
N TYR C 252 -28.99 5.42 -16.05
CA TYR C 252 -29.84 4.81 -17.07
C TYR C 252 -30.33 3.44 -16.64
N LEU C 253 -31.53 3.15 -17.03
CA LEU C 253 -32.13 1.85 -16.75
C LEU C 253 -32.24 1.09 -18.07
N LEU C 254 -31.58 -0.07 -18.17
CA LEU C 254 -31.72 -0.82 -19.38
C LEU C 254 -32.34 -2.16 -19.06
N LYS C 255 -33.50 -2.35 -19.67
CA LYS C 255 -34.24 -3.56 -19.67
C LYS C 255 -34.12 -3.89 -21.11
N GLU C 256 -34.90 -4.77 -21.63
CA GLU C 256 -34.73 -5.12 -23.04
C GLU C 256 -34.90 -3.91 -24.00
N GLY C 257 -34.97 -2.65 -23.43
CA GLY C 257 -35.10 -1.31 -24.13
C GLY C 257 -34.08 -0.31 -23.47
N GLN C 258 -34.42 0.96 -23.08
CA GLN C 258 -33.45 1.89 -22.36
C GLN C 258 -34.13 3.09 -21.59
N ARG C 259 -33.67 3.30 -20.32
CA ARG C 259 -34.27 4.25 -19.37
C ARG C 259 -35.78 4.32 -19.52
N HIS D 3 19.83 -13.40 -16.83
CA HIS D 3 18.71 -13.36 -17.81
C HIS D 3 17.98 -12.03 -17.66
N MET D 4 17.87 -11.29 -18.76
CA MET D 4 17.22 -9.98 -18.77
C MET D 4 15.68 -9.99 -18.76
N THR D 5 15.07 -11.15 -18.96
CA THR D 5 13.61 -11.25 -18.98
C THR D 5 13.00 -11.15 -17.59
N TRP D 6 13.79 -11.46 -16.58
CA TRP D 6 13.32 -11.41 -15.19
C TRP D 6 12.93 -10.02 -14.73
N LEU D 7 13.73 -9.02 -15.11
CA LEU D 7 13.48 -7.65 -14.72
C LEU D 7 12.38 -7.00 -15.57
N SER D 8 12.19 -7.49 -16.78
CA SER D 8 11.18 -6.96 -17.68
C SER D 8 9.79 -7.57 -17.45
N ASP D 9 9.77 -8.85 -17.11
CA ASP D 9 8.53 -9.58 -16.90
C ASP D 9 7.86 -9.39 -15.53
N PHE D 10 8.63 -8.98 -14.53
CA PHE D 10 8.07 -8.79 -13.19
C PHE D 10 8.49 -7.47 -12.55
N PRO D 11 7.96 -6.35 -13.07
CA PRO D 11 8.24 -4.99 -12.59
C PRO D 11 7.94 -4.76 -11.11
N GLN D 12 6.78 -5.21 -10.65
CA GLN D 12 6.39 -5.02 -9.25
C GLN D 12 7.14 -5.88 -8.23
N ALA D 13 7.75 -6.97 -8.67
CA ALA D 13 8.46 -7.85 -7.73
C ALA D 13 9.89 -7.42 -7.41
N TRP D 14 10.49 -6.59 -8.24
CA TRP D 14 11.86 -6.15 -8.01
C TRP D 14 11.92 -4.72 -7.51
N ALA D 15 12.81 -4.45 -6.56
CA ALA D 15 12.94 -3.10 -6.05
C ALA D 15 13.37 -2.15 -7.16
N GLU D 16 14.32 -2.60 -7.98
CA GLU D 16 14.83 -1.77 -9.07
C GLU D 16 13.77 -1.24 -10.02
N THR D 17 12.76 -2.05 -10.31
CA THR D 17 11.70 -1.64 -11.21
C THR D 17 10.38 -1.38 -10.50
N GLY D 18 10.27 -1.81 -9.24
CA GLY D 18 9.02 -1.62 -8.50
C GLY D 18 9.03 -0.61 -7.38
N GLY D 19 10.23 -0.13 -7.01
CA GLY D 19 10.33 0.85 -5.94
C GLY D 19 10.10 0.30 -4.55
N MET D 20 10.22 1.20 -3.55
CA MET D 20 10.01 0.86 -2.15
C MET D 20 8.73 0.05 -2.03
N GLY D 21 8.81 -1.08 -1.35
CA GLY D 21 7.61 -1.91 -1.20
C GLY D 21 6.64 -1.37 -0.19
N LEU D 22 5.50 -2.05 -0.07
CA LEU D 22 4.46 -1.69 0.88
C LEU D 22 3.54 -2.90 0.98
N ALA D 23 3.56 -3.59 2.11
CA ALA D 23 2.75 -4.79 2.28
C ALA D 23 1.26 -4.41 2.39
N VAL D 24 0.55 -4.57 1.28
CA VAL D 24 -0.86 -4.24 1.16
C VAL D 24 -1.82 -4.97 2.09
N ARG D 25 -1.46 -6.18 2.52
CA ARG D 25 -2.34 -6.94 3.41
C ARG D 25 -2.06 -6.57 4.87
N GLN D 26 -0.93 -5.90 5.10
CA GLN D 26 -0.53 -5.52 6.44
C GLN D 26 -0.91 -4.09 6.80
N ALA D 27 -1.85 -3.96 7.74
CA ALA D 27 -2.32 -2.66 8.19
C ALA D 27 -1.26 -2.05 9.11
N PRO D 28 -1.22 -0.71 9.18
CA PRO D 28 -0.26 0.01 10.02
C PRO D 28 -0.22 -0.61 11.42
N LEU D 29 1.00 -0.86 11.91
CA LEU D 29 1.24 -1.51 13.20
C LEU D 29 1.19 -0.67 14.46
N ILE D 30 0.50 -1.20 15.47
CA ILE D 30 0.43 -0.54 16.77
C ILE D 30 1.42 -1.30 17.65
N ILE D 31 2.23 -0.54 18.39
CA ILE D 31 3.27 -1.14 19.22
C ILE D 31 2.93 -1.04 20.71
N PRO D 32 2.49 -2.15 21.33
CA PRO D 32 2.14 -2.11 22.75
C PRO D 32 3.31 -1.90 23.70
N LEU D 33 3.18 -0.93 24.58
CA LEU D 33 4.21 -0.65 25.57
C LEU D 33 3.91 -1.51 26.79
N LYS D 34 4.92 -1.77 27.62
CA LYS D 34 4.69 -2.54 28.84
C LYS D 34 3.76 -1.67 29.69
N ALA D 35 2.95 -2.29 30.53
CA ALA D 35 2.00 -1.55 31.36
C ALA D 35 2.66 -0.50 32.26
N THR D 36 3.90 -0.76 32.66
CA THR D 36 4.62 0.15 33.54
C THR D 36 5.38 1.25 32.81
N SER D 37 5.73 0.97 31.55
CA SER D 37 6.50 1.91 30.74
C SER D 37 6.04 3.35 30.73
N THR D 38 7.02 4.24 30.59
CA THR D 38 6.77 5.66 30.54
C THR D 38 7.78 6.26 29.54
N PRO D 39 7.37 7.28 28.80
CA PRO D 39 8.26 7.91 27.81
C PRO D 39 9.69 8.15 28.31
N VAL D 40 10.66 7.93 27.43
CA VAL D 40 12.05 8.16 27.80
C VAL D 40 12.61 9.19 26.84
N SER D 41 13.31 10.17 27.40
CA SER D 41 13.90 11.24 26.60
C SER D 41 15.40 11.27 26.78
N ILE D 42 16.11 10.80 25.76
CA ILE D 42 17.57 10.78 25.79
C ILE D 42 18.06 11.88 24.87
N LYS D 43 18.84 12.80 25.44
CA LYS D 43 19.37 13.93 24.69
C LYS D 43 20.32 13.51 23.58
N GLN D 44 20.27 14.23 22.46
CA GLN D 44 21.13 13.93 21.32
C GLN D 44 22.56 14.40 21.59
N TYR D 45 23.52 13.49 21.46
CA TYR D 45 24.91 13.82 21.67
C TYR D 45 25.38 14.64 20.48
N PRO D 46 25.96 15.82 20.73
CA PRO D 46 26.41 16.64 19.61
C PRO D 46 27.42 15.84 18.78
N MET D 47 27.34 16.01 17.46
CA MET D 47 28.25 15.31 16.56
C MET D 47 28.99 16.31 15.69
N SER D 48 30.19 15.93 15.24
CA SER D 48 31.00 16.80 14.40
C SER D 48 30.21 17.27 13.20
N GLN D 49 30.42 18.54 12.82
CA GLN D 49 29.72 19.10 11.67
C GLN D 49 30.05 18.30 10.41
N GLU D 50 31.11 17.51 10.50
CA GLU D 50 31.54 16.67 9.37
C GLU D 50 30.69 15.41 9.32
N ALA D 51 30.22 14.99 10.48
CA ALA D 51 29.38 13.79 10.59
C ALA D 51 27.94 14.11 10.22
N ARG D 52 27.48 15.30 10.60
CA ARG D 52 26.12 15.73 10.31
C ARG D 52 26.00 15.98 8.81
N LEU D 53 27.10 15.77 8.08
CA LEU D 53 27.13 15.95 6.63
C LEU D 53 27.00 14.62 5.92
N GLY D 54 27.81 13.65 6.34
CA GLY D 54 27.76 12.34 5.74
C GLY D 54 26.49 11.59 6.06
N ILE D 55 25.68 12.16 6.94
CA ILE D 55 24.41 11.56 7.34
C ILE D 55 23.23 12.36 6.79
N LYS D 56 23.46 13.65 6.57
CA LYS D 56 22.44 14.54 6.04
C LYS D 56 21.68 13.95 4.85
N PRO D 57 22.40 13.38 3.86
CA PRO D 57 21.70 12.81 2.71
C PRO D 57 20.71 11.71 3.06
N HIS D 58 21.08 10.80 3.96
CA HIS D 58 20.19 9.72 4.35
C HIS D 58 18.89 10.28 4.89
N ILE D 59 19.00 11.11 5.92
CA ILE D 59 17.83 11.73 6.52
C ILE D 59 16.98 12.41 5.46
N GLN D 60 17.62 13.10 4.53
CA GLN D 60 16.91 13.80 3.47
C GLN D 60 16.12 12.85 2.60
N ARG D 61 16.79 11.81 2.13
CA ARG D 61 16.20 10.79 1.27
C ARG D 61 14.99 10.12 1.92
N LEU D 62 15.10 9.78 3.21
CA LEU D 62 13.97 9.16 3.92
C LEU D 62 12.84 10.18 4.02
N LEU D 63 13.21 11.42 4.31
CA LEU D 63 12.25 12.51 4.44
C LEU D 63 11.41 12.61 3.17
N ASP D 64 12.12 12.65 2.04
CA ASP D 64 11.47 12.76 0.74
C ASP D 64 10.59 11.57 0.35
N GLN D 65 10.93 10.38 0.85
CA GLN D 65 10.12 9.20 0.54
C GLN D 65 8.98 9.08 1.54
N GLY D 66 8.98 9.96 2.55
CA GLY D 66 7.93 9.94 3.56
C GLY D 66 8.14 8.90 4.64
N ILE D 67 9.33 8.32 4.70
CA ILE D 67 9.62 7.30 5.71
C ILE D 67 9.93 7.98 7.03
N LEU D 68 10.33 9.25 6.96
CA LEU D 68 10.59 10.06 8.15
C LEU D 68 9.61 11.24 8.07
N VAL D 69 9.18 11.74 9.22
CA VAL D 69 8.27 12.86 9.29
C VAL D 69 8.51 13.67 10.55
N PRO D 70 8.33 15.00 10.47
CA PRO D 70 8.53 15.87 11.64
C PRO D 70 7.52 15.48 12.71
N CYS D 71 7.88 15.71 13.97
CA CYS D 71 6.97 15.38 15.04
C CYS D 71 7.45 16.05 16.31
N GLN D 72 6.56 16.07 17.30
CA GLN D 72 6.88 16.61 18.62
C GLN D 72 6.46 15.44 19.49
N SER D 73 7.43 14.82 20.14
CA SER D 73 7.12 13.67 20.96
C SER D 73 7.80 13.70 22.31
N PRO D 74 7.18 13.06 23.31
CA PRO D 74 7.75 13.02 24.65
C PRO D 74 8.98 12.10 24.63
N TRP D 75 9.05 11.23 23.62
CA TRP D 75 10.17 10.29 23.51
C TRP D 75 11.30 10.85 22.66
N ASN D 76 12.51 10.34 22.88
CA ASN D 76 13.67 10.73 22.09
C ASN D 76 14.84 9.79 22.34
N THR D 77 15.38 9.18 21.25
CA THR D 77 16.56 8.26 21.28
C THR D 77 17.80 8.80 20.40
N PRO D 78 19.07 8.38 20.74
CA PRO D 78 20.27 8.98 20.12
C PRO D 78 20.27 8.64 18.70
N LEU D 79 20.93 9.47 17.92
CA LEU D 79 21.18 9.13 16.54
C LEU D 79 22.71 9.01 16.53
N LEU D 80 23.30 7.83 16.20
CA LEU D 80 24.80 7.59 16.20
C LEU D 80 25.44 7.67 14.82
N PRO D 81 26.56 8.45 14.66
CA PRO D 81 27.31 8.66 13.38
C PRO D 81 28.11 7.49 13.04
N VAL D 82 27.64 6.43 12.52
CA VAL D 82 28.59 5.32 12.35
C VAL D 82 29.60 5.59 11.25
N LYS D 83 30.57 4.66 11.09
CA LYS D 83 31.61 4.82 10.09
C LYS D 83 31.67 3.70 9.05
N LYS D 84 32.81 3.62 8.40
CA LYS D 84 33.17 2.65 7.37
C LYS D 84 34.66 2.90 7.09
N PRO D 85 35.31 2.00 6.38
CA PRO D 85 36.72 2.18 6.04
C PRO D 85 36.93 3.47 5.28
N GLY D 86 35.91 3.81 4.48
CA GLY D 86 35.92 4.99 3.63
C GLY D 86 36.24 6.29 4.36
N THR D 87 36.47 7.35 3.57
CA THR D 87 36.76 8.67 4.12
C THR D 87 35.49 9.34 4.67
N ASN D 88 34.45 9.41 3.84
CA ASN D 88 33.19 10.02 4.27
C ASN D 88 32.03 9.06 4.03
N ASP D 89 31.92 8.06 4.90
CA ASP D 89 30.86 7.06 4.80
C ASP D 89 30.13 6.93 6.13
N TYR D 90 29.41 7.98 6.51
CA TYR D 90 28.66 7.98 7.76
C TYR D 90 27.20 7.48 7.55
N ARG D 91 26.76 6.44 8.29
CA ARG D 91 25.39 5.85 8.20
C ARG D 91 24.66 6.05 9.54
N PRO D 92 23.33 6.46 9.48
CA PRO D 92 22.50 6.65 10.72
C PRO D 92 22.32 5.49 11.61
N VAL D 93 22.63 5.56 12.87
CA VAL D 93 22.25 4.43 13.66
C VAL D 93 21.57 4.96 14.88
N GLN D 94 20.31 4.60 15.05
CA GLN D 94 19.52 5.06 16.18
C GLN D 94 19.61 4.05 17.35
N ASP D 95 19.96 4.54 18.53
CA ASP D 95 20.08 3.67 19.69
C ASP D 95 18.69 3.51 20.29
N LEU D 96 17.96 2.52 19.83
CA LEU D 96 16.61 2.27 20.31
C LEU D 96 16.50 1.42 21.56
N ARG D 97 17.64 1.10 22.18
CA ARG D 97 17.65 0.26 23.38
C ARG D 97 16.70 0.70 24.50
N GLU D 98 16.69 1.98 24.86
CA GLU D 98 15.80 2.42 25.93
C GLU D 98 14.34 2.30 25.52
N VAL D 99 14.07 2.30 24.22
CA VAL D 99 12.70 2.15 23.74
C VAL D 99 12.30 0.69 23.78
N ASN D 100 13.21 -0.18 23.35
CA ASN D 100 12.95 -1.61 23.35
C ASN D 100 12.63 -2.13 24.76
N LYS D 101 13.31 -1.61 25.77
CA LYS D 101 13.08 -2.03 27.16
C LYS D 101 11.67 -1.70 27.64
N ARG D 102 11.05 -0.72 27.00
CA ARG D 102 9.71 -0.27 27.40
C ARG D 102 8.58 -0.86 26.56
N VAL D 103 8.94 -1.53 25.47
CA VAL D 103 7.95 -2.15 24.59
C VAL D 103 7.69 -3.60 25.03
N GLU D 104 6.44 -4.01 24.98
CA GLU D 104 6.11 -5.38 25.38
C GLU D 104 6.75 -6.39 24.43
N ASP D 105 7.36 -7.42 25.01
CA ASP D 105 8.00 -8.47 24.23
C ASP D 105 6.94 -9.30 23.51
N ILE D 106 7.35 -9.92 22.41
CA ILE D 106 6.47 -10.80 21.65
C ILE D 106 7.27 -12.10 21.48
N HIS D 107 6.58 -13.23 21.44
CA HIS D 107 7.26 -14.55 21.40
C HIS D 107 8.15 -14.74 20.20
N PRO D 108 9.36 -15.31 20.34
CA PRO D 108 10.20 -15.32 19.14
C PRO D 108 9.66 -16.20 18.07
N THR D 109 9.17 -15.85 16.93
CA THR D 109 8.71 -16.98 16.13
C THR D 109 9.63 -17.30 14.96
N VAL D 110 10.77 -16.59 14.86
CA VAL D 110 11.72 -16.76 13.72
C VAL D 110 12.45 -18.17 13.73
N PRO D 111 12.65 -18.80 12.58
CA PRO D 111 13.25 -20.16 12.58
C PRO D 111 14.59 -20.10 13.10
N ASN D 112 15.12 -21.26 13.45
CA ASN D 112 16.51 -21.31 13.75
C ASN D 112 17.15 -21.40 12.37
N PRO D 113 18.27 -20.68 12.19
CA PRO D 113 18.97 -20.62 10.85
C PRO D 113 19.16 -21.96 10.18
N TYR D 114 19.99 -22.78 10.81
CA TYR D 114 20.28 -24.07 10.24
C TYR D 114 19.12 -25.07 10.23
N ASN D 115 18.32 -25.10 11.28
CA ASN D 115 17.19 -26.02 11.32
C ASN D 115 16.24 -25.77 10.17
N LEU D 116 16.49 -24.70 9.42
CA LEU D 116 15.65 -24.34 8.28
C LEU D 116 16.07 -25.15 7.05
N LEU D 117 17.39 -25.20 6.80
CA LEU D 117 17.92 -25.92 5.67
C LEU D 117 17.97 -27.43 5.90
N SER D 118 18.14 -27.83 7.17
CA SER D 118 18.19 -29.25 7.51
C SER D 118 17.00 -29.98 6.89
N GLY D 119 15.84 -29.34 6.92
CA GLY D 119 14.65 -29.93 6.35
C GLY D 119 14.50 -29.59 4.88
N LEU D 120 15.51 -29.98 4.09
CA LEU D 120 15.50 -29.72 2.66
C LEU D 120 15.72 -31.04 1.90
N PRO D 121 14.60 -31.52 1.28
CA PRO D 121 14.65 -32.79 0.49
C PRO D 121 15.75 -32.86 -0.55
N PRO D 122 16.56 -33.94 -0.57
CA PRO D 122 17.54 -34.09 -1.68
C PRO D 122 16.97 -34.09 -3.08
N SER D 123 15.67 -34.38 -3.13
CA SER D 123 14.95 -34.47 -4.39
C SER D 123 14.85 -33.10 -5.08
N HIS D 124 14.85 -32.04 -4.29
CA HIS D 124 14.81 -30.66 -4.81
C HIS D 124 16.19 -30.10 -4.84
N GLN D 125 16.81 -30.10 -6.02
CA GLN D 125 18.17 -29.58 -6.15
C GLN D 125 18.29 -28.29 -6.96
N TRP D 126 17.16 -27.78 -7.44
CA TRP D 126 17.17 -26.53 -8.19
C TRP D 126 16.65 -25.44 -7.26
N TYR D 127 17.46 -24.41 -7.06
CA TYR D 127 17.10 -23.35 -6.15
C TYR D 127 17.08 -21.94 -6.73
N THR D 128 16.42 -21.05 -5.99
CA THR D 128 16.32 -19.64 -6.31
C THR D 128 16.38 -18.94 -4.97
N VAL D 129 17.35 -18.04 -4.80
CA VAL D 129 17.51 -17.33 -3.54
C VAL D 129 17.20 -15.86 -3.80
N LEU D 130 16.25 -15.34 -3.03
CA LEU D 130 15.84 -13.95 -3.15
C LEU D 130 15.91 -13.32 -1.77
N ASP D 131 16.35 -12.09 -1.69
CA ASP D 131 16.36 -11.36 -0.44
C ASP D 131 15.53 -10.12 -0.71
N LEU D 132 14.66 -9.78 0.24
CA LEU D 132 13.81 -8.62 0.05
C LEU D 132 14.53 -7.36 0.51
N LYS D 133 14.49 -6.34 -0.33
CA LYS D 133 15.16 -5.08 -0.03
C LYS D 133 14.26 -4.16 0.80
N ASP D 134 14.85 -3.58 1.85
CA ASP D 134 14.14 -2.69 2.76
C ASP D 134 12.87 -3.37 3.27
N ALA D 135 13.02 -4.64 3.62
CA ALA D 135 11.93 -5.47 4.10
C ALA D 135 11.10 -4.83 5.21
N PHE D 136 11.74 -4.45 6.31
CA PHE D 136 11.04 -3.85 7.43
C PHE D 136 10.23 -2.62 7.02
N PHE D 137 10.73 -1.87 6.04
CA PHE D 137 10.04 -0.67 5.59
C PHE D 137 8.73 -0.96 4.86
N CYS D 138 8.51 -2.23 4.48
CA CYS D 138 7.27 -2.59 3.81
C CYS D 138 6.11 -2.56 4.79
N LEU D 139 6.43 -2.60 6.07
CA LEU D 139 5.42 -2.58 7.11
C LEU D 139 5.35 -1.17 7.66
N ARG D 140 4.13 -0.67 7.82
CA ARG D 140 3.90 0.69 8.30
C ARG D 140 3.64 0.78 9.79
N LEU D 141 3.94 1.95 10.36
CA LEU D 141 3.70 2.20 11.77
C LEU D 141 2.44 3.04 11.91
N HIS D 142 1.56 2.63 12.82
CA HIS D 142 0.38 3.37 13.08
C HIS D 142 0.78 4.71 13.75
N PRO D 143 0.09 5.77 13.36
CA PRO D 143 0.38 7.10 13.93
C PRO D 143 0.51 7.14 15.44
N THR D 144 -0.33 6.34 16.08
CA THR D 144 -0.33 6.28 17.54
C THR D 144 0.98 5.75 18.12
N SER D 145 1.70 4.92 17.36
CA SER D 145 2.96 4.36 17.85
C SER D 145 4.20 5.04 17.27
N GLN D 146 4.00 5.97 16.36
CA GLN D 146 5.13 6.67 15.73
C GLN D 146 5.98 7.51 16.70
N PRO D 147 5.32 8.17 17.73
CA PRO D 147 6.05 8.96 18.73
C PRO D 147 7.21 8.24 19.45
N LEU D 148 7.04 6.95 19.65
CA LEU D 148 8.04 6.12 20.33
C LEU D 148 9.46 6.19 19.78
N PHE D 149 9.58 6.23 18.47
CA PHE D 149 10.86 6.20 17.77
C PHE D 149 11.45 7.54 17.33
N ALA D 150 11.03 8.64 17.95
CA ALA D 150 11.52 9.96 17.56
C ALA D 150 12.96 10.25 17.91
N PHE D 151 13.59 11.11 17.10
CA PHE D 151 14.97 11.54 17.32
C PHE D 151 15.15 12.98 16.77
N GLU D 152 16.09 13.78 17.34
CA GLU D 152 16.39 15.21 17.03
C GLU D 152 17.14 15.56 15.77
N TRP D 153 16.59 16.46 14.98
CA TRP D 153 17.23 16.90 13.81
C TRP D 153 16.75 18.30 13.46
N ARG D 154 17.24 19.32 14.11
CA ARG D 154 16.90 20.66 13.80
C ARG D 154 17.65 21.04 12.54
N ASP D 155 16.94 21.33 11.45
CA ASP D 155 17.57 21.67 10.18
C ASP D 155 16.75 22.69 9.40
N PRO D 156 17.31 23.93 9.29
CA PRO D 156 16.67 25.07 8.51
C PRO D 156 16.38 24.78 7.07
N GLU D 157 17.40 24.17 6.50
CA GLU D 157 17.42 23.81 5.13
C GLU D 157 16.22 23.01 4.68
N MET D 158 15.81 22.03 5.47
CA MET D 158 14.67 21.17 5.13
C MET D 158 13.39 21.63 5.83
N GLY D 159 13.55 22.52 6.81
CA GLY D 159 12.41 23.02 7.54
C GLY D 159 12.03 22.16 8.74
N ILE D 160 13.05 21.66 9.44
CA ILE D 160 12.84 20.83 10.62
C ILE D 160 13.24 21.63 11.85
N SER D 161 12.27 21.88 12.74
CA SER D 161 12.51 22.66 13.95
C SER D 161 12.96 21.81 15.12
N GLY D 162 12.78 20.50 15.03
CA GLY D 162 13.17 19.65 16.15
C GLY D 162 13.35 18.16 15.82
N GLN D 163 12.29 17.38 16.06
CA GLN D 163 12.36 15.91 15.88
C GLN D 163 11.76 15.35 14.60
N LEU D 164 12.19 14.12 14.34
CA LEU D 164 11.73 13.32 13.21
C LEU D 164 11.41 11.92 13.74
N THR D 165 10.52 11.21 13.08
CA THR D 165 10.22 9.86 13.51
C THR D 165 9.83 9.02 12.31
N TRP D 166 9.82 7.70 12.52
CA TRP D 166 9.53 6.75 11.45
C TRP D 166 8.05 6.51 11.23
N THR D 167 7.68 6.30 9.97
CA THR D 167 6.30 5.98 9.59
C THR D 167 6.29 4.54 9.10
N ARG D 168 7.46 3.89 9.17
CA ARG D 168 7.63 2.49 8.76
C ARG D 168 8.39 1.78 9.88
N LEU D 169 8.26 0.45 9.95
CA LEU D 169 8.95 -0.34 10.97
C LEU D 169 10.44 0.00 10.91
N PRO D 170 11.00 0.54 12.00
CA PRO D 170 12.43 0.91 11.98
C PRO D 170 13.46 -0.17 12.30
N GLN D 171 14.71 0.15 11.97
CA GLN D 171 15.85 -0.71 12.24
C GLN D 171 16.18 -0.45 13.70
N GLY D 172 16.71 -1.45 14.41
CA GLY D 172 17.05 -1.26 15.80
C GLY D 172 15.91 -1.53 16.77
N PHE D 173 14.71 -1.72 16.23
CA PHE D 173 13.53 -2.01 17.07
C PHE D 173 13.52 -3.52 17.27
N LYS D 174 13.67 -3.94 18.52
CA LYS D 174 13.75 -5.35 18.87
C LYS D 174 12.78 -6.31 18.18
N ASN D 175 11.53 -5.90 17.99
CA ASN D 175 10.53 -6.78 17.38
C ASN D 175 10.39 -6.71 15.86
N SER D 176 11.16 -5.87 15.19
CA SER D 176 11.05 -5.75 13.75
C SER D 176 11.24 -7.07 13.00
N PRO D 177 12.30 -7.83 13.34
CA PRO D 177 12.56 -9.10 12.67
C PRO D 177 11.39 -10.09 12.76
N THR D 178 10.80 -10.17 13.95
CA THR D 178 9.70 -11.08 14.21
C THR D 178 8.39 -10.64 13.55
N LEU D 179 8.10 -9.35 13.63
CA LEU D 179 6.88 -8.82 13.03
C LEU D 179 6.91 -8.99 11.50
N PHE D 180 8.06 -8.76 10.89
CA PHE D 180 8.13 -8.92 9.44
C PHE D 180 8.00 -10.38 9.06
N ASP D 181 8.81 -11.23 9.70
CA ASP D 181 8.78 -12.66 9.41
C ASP D 181 7.38 -13.21 9.49
N GLU D 182 6.64 -12.84 10.53
CA GLU D 182 5.27 -13.32 10.70
C GLU D 182 4.40 -12.75 9.60
N ALA D 183 4.60 -11.48 9.27
CA ALA D 183 3.82 -10.83 8.23
C ALA D 183 4.01 -11.52 6.87
N LEU D 184 5.26 -11.79 6.51
CA LEU D 184 5.53 -12.43 5.23
C LEU D 184 5.02 -13.87 5.20
N HIS D 185 5.13 -14.56 6.33
CA HIS D 185 4.65 -15.93 6.41
C HIS D 185 3.15 -16.00 6.12
N ARG D 186 2.38 -15.13 6.74
CA ARG D 186 0.93 -15.13 6.51
C ARG D 186 0.63 -14.84 5.06
N ASP D 187 1.30 -13.83 4.51
CA ASP D 187 1.07 -13.45 3.12
C ASP D 187 1.43 -14.51 2.09
N LEU D 188 2.46 -15.29 2.35
CA LEU D 188 2.88 -16.31 1.41
C LEU D 188 2.23 -17.69 1.65
N ALA D 189 1.30 -17.75 2.58
CA ALA D 189 0.62 -19.00 2.91
C ALA D 189 -0.15 -19.58 1.72
N ASP D 190 -0.95 -18.74 1.07
CA ASP D 190 -1.74 -19.17 -0.08
C ASP D 190 -0.82 -19.73 -1.16
N PHE D 191 0.36 -19.12 -1.29
CA PHE D 191 1.33 -19.57 -2.28
C PHE D 191 1.81 -20.99 -1.97
N ARG D 192 2.08 -21.25 -0.70
CA ARG D 192 2.54 -22.58 -0.28
C ARG D 192 1.50 -23.64 -0.63
N ILE D 193 0.25 -23.37 -0.25
CA ILE D 193 -0.86 -24.29 -0.52
C ILE D 193 -1.03 -24.58 -2.00
N GLN D 194 -1.00 -23.51 -2.80
CA GLN D 194 -1.17 -23.64 -4.24
C GLN D 194 0.00 -24.29 -4.99
N HIS D 195 1.15 -24.42 -4.31
CA HIS D 195 2.34 -25.02 -4.90
C HIS D 195 2.93 -26.06 -3.97
N PRO D 196 2.20 -27.18 -3.75
CA PRO D 196 2.68 -28.24 -2.87
C PRO D 196 3.99 -28.92 -3.30
N ASP D 197 4.25 -28.95 -4.61
CA ASP D 197 5.47 -29.57 -5.11
C ASP D 197 6.70 -28.68 -4.98
N LEU D 198 6.52 -27.50 -4.40
CA LEU D 198 7.61 -26.56 -4.19
C LEU D 198 7.93 -26.41 -2.71
N ILE D 199 9.21 -26.27 -2.39
CA ILE D 199 9.63 -26.10 -1.01
C ILE D 199 10.10 -24.67 -0.83
N LEU D 200 9.45 -23.93 0.07
CA LEU D 200 9.81 -22.55 0.32
C LEU D 200 10.30 -22.34 1.76
N LEU D 201 11.52 -21.82 1.90
CA LEU D 201 12.10 -21.54 3.20
C LEU D 201 12.12 -20.02 3.40
N GLN D 202 11.75 -19.57 4.60
CA GLN D 202 11.73 -18.13 4.90
C GLN D 202 12.43 -17.78 6.19
N TYR D 203 13.38 -16.86 6.11
CA TYR D 203 14.09 -16.41 7.31
C TYR D 203 14.04 -14.89 7.22
N VAL D 204 13.03 -14.30 7.86
CA VAL D 204 12.84 -12.85 7.84
C VAL D 204 12.70 -12.37 6.39
N ASP D 205 13.73 -11.73 5.84
CA ASP D 205 13.64 -11.28 4.45
C ASP D 205 14.45 -12.09 3.46
N ASP D 206 14.96 -13.25 3.90
CA ASP D 206 15.74 -14.14 3.04
C ASP D 206 14.91 -15.36 2.64
N LEU D 207 14.73 -15.54 1.33
CA LEU D 207 13.94 -16.67 0.86
C LEU D 207 14.71 -17.61 -0.05
N LEU D 208 14.29 -18.86 -0.06
CA LEU D 208 14.89 -19.88 -0.89
C LEU D 208 13.76 -20.75 -1.40
N LEU D 209 13.65 -20.84 -2.72
CA LEU D 209 12.63 -21.66 -3.35
C LEU D 209 13.34 -22.89 -3.90
N ALA D 210 12.78 -24.06 -3.64
CA ALA D 210 13.40 -25.30 -4.11
C ALA D 210 12.44 -26.12 -4.96
N ALA D 211 12.89 -26.52 -6.15
CA ALA D 211 12.08 -27.31 -7.07
C ALA D 211 12.82 -28.59 -7.47
N THR D 212 12.06 -29.58 -7.93
CA THR D 212 12.63 -30.87 -8.34
C THR D 212 13.39 -30.79 -9.66
N SER D 213 13.00 -29.86 -10.52
CA SER D 213 13.65 -29.69 -11.81
C SER D 213 13.85 -28.21 -12.15
N GLU D 214 14.70 -27.96 -13.13
CA GLU D 214 14.98 -26.60 -13.56
C GLU D 214 13.70 -25.92 -14.05
N LEU D 215 12.93 -26.64 -14.86
CA LEU D 215 11.67 -26.12 -15.38
C LEU D 215 10.75 -25.74 -14.23
N ASP D 216 10.58 -26.67 -13.28
CA ASP D 216 9.74 -26.44 -12.12
C ASP D 216 10.19 -25.22 -11.34
N CYS D 217 11.50 -25.03 -11.25
CA CYS D 217 12.05 -23.90 -10.54
C CYS D 217 11.62 -22.61 -11.23
N GLN D 218 11.78 -22.56 -12.55
CA GLN D 218 11.41 -21.38 -13.33
C GLN D 218 9.93 -21.05 -13.23
N GLN D 219 9.08 -22.07 -13.28
CA GLN D 219 7.64 -21.84 -13.16
C GLN D 219 7.34 -21.39 -11.74
N GLY D 220 8.04 -21.97 -10.77
CA GLY D 220 7.85 -21.61 -9.38
C GLY D 220 8.31 -20.20 -9.08
N THR D 221 9.49 -19.86 -9.60
CA THR D 221 10.08 -18.54 -9.39
C THR D 221 9.19 -17.46 -10.03
N ARG D 222 8.62 -17.77 -11.19
CA ARG D 222 7.75 -16.82 -11.86
C ARG D 222 6.53 -16.55 -10.99
N ALA D 223 5.98 -17.61 -10.40
CA ALA D 223 4.80 -17.48 -9.56
C ALA D 223 5.14 -16.75 -8.24
N LEU D 224 6.28 -17.06 -7.65
CA LEU D 224 6.68 -16.40 -6.40
C LEU D 224 6.87 -14.89 -6.61
N LEU D 225 7.62 -14.51 -7.64
CA LEU D 225 7.85 -13.09 -7.92
C LEU D 225 6.53 -12.39 -8.20
N GLN D 226 5.65 -13.06 -8.93
CA GLN D 226 4.34 -12.52 -9.26
C GLN D 226 3.54 -12.28 -7.97
N THR D 227 3.61 -13.24 -7.05
CA THR D 227 2.90 -13.14 -5.79
C THR D 227 3.51 -12.05 -4.89
N LEU D 228 4.82 -12.03 -4.79
CA LEU D 228 5.48 -11.02 -3.97
C LEU D 228 5.10 -9.62 -4.46
N GLY D 229 5.24 -9.40 -5.76
CA GLY D 229 4.92 -8.10 -6.33
C GLY D 229 3.51 -7.66 -5.98
N ASN D 230 2.55 -8.55 -6.20
CA ASN D 230 1.15 -8.28 -5.90
C ASN D 230 0.90 -8.01 -4.42
N LEU D 231 1.70 -8.62 -3.56
CA LEU D 231 1.55 -8.46 -2.12
C LEU D 231 2.25 -7.19 -1.64
N GLY D 232 3.08 -6.60 -2.49
CA GLY D 232 3.77 -5.38 -2.12
C GLY D 232 5.22 -5.50 -1.71
N TYR D 233 5.76 -6.72 -1.75
CA TYR D 233 7.15 -6.93 -1.38
C TYR D 233 8.06 -6.72 -2.58
N ARG D 234 9.32 -6.40 -2.33
CA ARG D 234 10.26 -6.14 -3.40
C ARG D 234 11.58 -6.87 -3.18
N ALA D 235 11.99 -7.63 -4.19
CA ALA D 235 13.24 -8.40 -4.13
C ALA D 235 14.37 -7.67 -4.83
N SER D 236 15.59 -7.96 -4.41
CA SER D 236 16.77 -7.35 -5.02
C SER D 236 17.21 -8.15 -6.23
N ALA D 237 16.90 -7.65 -7.43
CA ALA D 237 17.29 -8.35 -8.66
C ALA D 237 18.80 -8.48 -8.74
N LYS D 238 19.51 -7.50 -8.19
CA LYS D 238 20.96 -7.47 -8.19
C LYS D 238 21.59 -8.64 -7.41
N LYS D 239 20.93 -9.10 -6.36
CA LYS D 239 21.47 -10.20 -5.56
C LYS D 239 20.85 -11.57 -5.88
N ALA D 240 19.68 -11.57 -6.50
CA ALA D 240 18.97 -12.80 -6.84
C ALA D 240 19.77 -13.88 -7.56
N GLN D 241 19.66 -15.12 -7.08
CA GLN D 241 20.33 -16.27 -7.69
C GLN D 241 19.14 -17.06 -8.23
N ILE D 242 18.95 -17.00 -9.55
CA ILE D 242 17.80 -17.64 -10.17
C ILE D 242 18.02 -18.99 -10.87
N CYS D 243 17.24 -19.98 -10.42
CA CYS D 243 17.27 -21.33 -10.98
C CYS D 243 18.64 -21.93 -11.25
N GLN D 244 19.37 -22.27 -10.19
CA GLN D 244 20.67 -22.89 -10.33
C GLN D 244 20.93 -23.85 -9.17
N LYS D 245 21.63 -24.94 -9.45
CA LYS D 245 21.91 -25.96 -8.44
C LYS D 245 22.90 -25.58 -7.35
N GLN D 246 23.60 -24.47 -7.53
CA GLN D 246 24.56 -24.00 -6.52
C GLN D 246 24.25 -22.56 -6.13
N VAL D 247 23.90 -22.36 -4.87
CA VAL D 247 23.56 -21.04 -4.35
C VAL D 247 24.01 -20.87 -2.91
N LYS D 248 24.00 -19.64 -2.44
CA LYS D 248 24.37 -19.34 -1.06
C LYS D 248 23.13 -18.77 -0.39
N TYR D 249 22.74 -19.36 0.75
CA TYR D 249 21.55 -18.95 1.48
C TYR D 249 21.80 -19.00 2.97
N LEU D 250 21.60 -17.87 3.66
CA LEU D 250 21.82 -17.81 5.10
C LEU D 250 23.25 -18.19 5.45
N GLY D 251 24.20 -17.67 4.69
CA GLY D 251 25.60 -17.96 4.93
C GLY D 251 25.94 -19.41 4.69
N TYR D 252 25.09 -20.10 3.93
CA TYR D 252 25.32 -21.51 3.62
C TYR D 252 25.50 -21.72 2.13
N LEU D 253 26.63 -22.32 1.76
CA LEU D 253 26.89 -22.61 0.36
C LEU D 253 26.34 -24.01 0.11
N LEU D 254 25.36 -24.12 -0.78
CA LEU D 254 24.79 -25.43 -1.05
C LEU D 254 24.72 -25.80 -2.53
N LYS D 255 25.67 -26.62 -2.95
CA LYS D 255 25.71 -27.13 -4.31
C LYS D 255 25.09 -28.51 -4.16
N GLU D 256 25.57 -29.49 -4.93
CA GLU D 256 25.03 -30.85 -4.80
C GLU D 256 25.70 -31.50 -3.59
N GLY D 257 25.79 -30.73 -2.51
CA GLY D 257 26.41 -31.16 -1.26
C GLY D 257 26.56 -29.95 -0.34
N GLN D 258 25.77 -29.92 0.74
CA GLN D 258 25.80 -28.79 1.68
C GLN D 258 27.15 -28.47 2.32
N ARG D 259 27.51 -27.19 2.33
CA ARG D 259 28.77 -26.71 2.89
C ARG D 259 28.60 -25.69 4.04
#